data_5DBH
#
_entry.id   5DBH
#
_cell.length_a   112.660
_cell.length_b   112.660
_cell.length_c   43.369
_cell.angle_alpha   90.00
_cell.angle_beta   90.00
_cell.angle_gamma   90.00
#
_symmetry.space_group_name_H-M   'I 41'
#
loop_
_entity.id
_entity.type
_entity.pdbx_description
1 polymer 'Cysteine synthase'
2 non-polymer GLYCEROL
3 non-polymer '2-{[(E)-{3-hydroxy-2-methyl-5-[(phosphonooxy)methyl]pyridin-4-yl}methylidene]amino}prop-2-enoic acid'
4 water water
#
_entity_poly.entity_id   1
_entity_poly.type   'polypeptide(L)'
_entity_poly.pdbx_seq_one_letter_code
;HHHHHHMAIYADNSYSIGNTPLVRLKHFGHNGNVVVKIEGRNPSYSVKCRIGANMVWQAEKDGTLTKGKEIVDATSGNTG
IALAYVAAARGYKITLTMPETMSLERKRLLCGLGVNLVLTEGAKGMKGAIAKAEEIVASDPSRYVMLKQFENPANPQIHR
ETTGPEIWKDTDGKVDVVVAGVGTGGSITGISRAIKLDFGKQITSVAVEPVESPVISQTLAGEEVKPGPHKIQGIGAGFI
PKNLDLSIIDRVETVDSDTALATARRLMAEEGILAGISSGAAVAAADRLAKLPEFADKLIVVILPSASERYLSTALFEGI
EG
;
_entity_poly.pdbx_strand_id   X
#
loop_
_chem_comp.id
_chem_comp.type
_chem_comp.name
_chem_comp.formula
0JO non-polymer '2-{[(E)-{3-hydroxy-2-methyl-5-[(phosphonooxy)methyl]pyridin-4-yl}methylidene]amino}prop-2-enoic acid' 'C11 H13 N2 O7 P'
GOL non-polymer GLYCEROL 'C3 H8 O3'
#
# COMPACT_ATOMS: atom_id res chain seq x y z
N ALA A 8 9.61 22.84 9.54
CA ALA A 8 10.80 23.12 8.74
C ALA A 8 10.50 23.18 7.24
N ILE A 9 11.54 23.36 6.45
CA ILE A 9 11.39 23.47 5.00
C ILE A 9 12.10 22.29 4.36
N TYR A 10 11.35 21.47 3.63
CA TYR A 10 11.93 20.26 3.06
C TYR A 10 12.72 20.57 1.78
N ALA A 11 13.92 20.00 1.68
CA ALA A 11 14.83 20.27 0.56
C ALA A 11 14.24 19.83 -0.80
N ASP A 12 13.44 18.78 -0.80
CA ASP A 12 12.62 18.43 -1.98
C ASP A 12 11.37 17.69 -1.49
N ASN A 13 10.44 17.38 -2.38
CA ASN A 13 9.16 16.83 -1.95
C ASN A 13 9.30 15.45 -1.27
N SER A 14 10.36 14.70 -1.60
CA SER A 14 10.53 13.36 -1.01
C SER A 14 10.71 13.41 0.50
N TYR A 15 11.29 14.48 1.03
CA TYR A 15 11.54 14.54 2.48
C TYR A 15 10.28 14.84 3.31
N SER A 16 9.19 15.20 2.62
CA SER A 16 7.95 15.61 3.30
C SER A 16 6.98 14.44 3.52
N ILE A 17 7.45 13.22 3.31
CA ILE A 17 6.60 12.03 3.47
C ILE A 17 6.06 11.90 4.89
N GLY A 18 4.90 11.28 5.00
CA GLY A 18 4.39 10.85 6.29
C GLY A 18 3.72 11.90 7.15
N ASN A 19 3.74 11.64 8.45
CA ASN A 19 3.04 12.43 9.46
C ASN A 19 1.56 12.63 9.12
N THR A 20 0.93 11.54 8.69
CA THR A 20 -0.46 11.50 8.30
C THR A 20 -1.37 11.38 9.52
N PRO A 21 -2.59 11.94 9.44
CA PRO A 21 -3.44 12.00 10.64
C PRO A 21 -4.26 10.75 10.91
N LEU A 22 -4.60 10.55 12.18
CA LEU A 22 -5.58 9.56 12.60
C LEU A 22 -6.95 10.20 12.77
N VAL A 23 -7.97 9.62 12.15
CA VAL A 23 -9.34 10.12 12.29
C VAL A 23 -10.28 9.03 12.80
N ARG A 24 -11.05 9.35 13.84
CA ARG A 24 -11.98 8.40 14.43
C ARG A 24 -13.24 8.25 13.57
N LEU A 25 -13.66 7.02 13.32
CA LEU A 25 -14.86 6.80 12.53
C LEU A 25 -16.13 6.84 13.39
N LYS A 26 -17.21 7.39 12.84
CA LYS A 26 -18.43 7.56 13.59
C LYS A 26 -19.50 6.52 13.22
N HIS A 27 -19.44 6.01 12.00
CA HIS A 27 -20.46 5.07 11.53
C HIS A 27 -19.93 3.67 11.29
N PHE A 28 -18.69 3.43 11.72
CA PHE A 28 -18.13 2.09 11.72
C PHE A 28 -17.61 1.82 13.11
N GLY A 29 -17.32 0.56 13.39
CA GLY A 29 -16.79 0.18 14.68
C GLY A 29 -17.80 0.33 15.79
N HIS A 30 -17.31 0.24 17.01
CA HIS A 30 -18.15 0.30 18.20
C HIS A 30 -17.65 1.41 19.10
N ASN A 31 -18.43 2.48 19.20
CA ASN A 31 -18.09 3.66 19.99
C ASN A 31 -16.65 4.15 19.81
N GLY A 32 -16.26 4.36 18.56
CA GLY A 32 -14.98 4.98 18.25
C GLY A 32 -13.75 4.09 18.38
N ASN A 33 -13.92 2.78 18.42
CA ASN A 33 -12.75 1.90 18.53
C ASN A 33 -12.06 1.68 17.17
N VAL A 34 -12.61 2.27 16.11
CA VAL A 34 -11.96 2.23 14.79
C VAL A 34 -11.48 3.60 14.36
N VAL A 35 -10.16 3.70 14.15
CA VAL A 35 -9.53 4.94 13.76
C VAL A 35 -8.75 4.67 12.48
N VAL A 36 -8.77 5.62 11.55
CA VAL A 36 -8.14 5.41 10.26
C VAL A 36 -6.95 6.33 10.08
N LYS A 37 -5.92 5.82 9.41
CA LYS A 37 -4.73 6.61 9.10
C LYS A 37 -4.76 6.97 7.63
N ILE A 38 -4.87 8.27 7.37
CA ILE A 38 -5.15 8.79 6.04
C ILE A 38 -3.87 8.99 5.24
N GLU A 39 -3.43 7.92 4.59
CA GLU A 39 -2.20 7.94 3.81
C GLU A 39 -2.36 8.67 2.48
N GLY A 40 -3.59 9.06 2.15
CA GLY A 40 -3.79 9.94 1.01
C GLY A 40 -3.13 11.29 1.21
N ARG A 41 -2.90 11.70 2.46
CA ARG A 41 -2.20 12.95 2.73
C ARG A 41 -0.68 12.77 2.70
N ASN A 42 -0.14 12.59 1.50
CA ASN A 42 1.29 12.36 1.30
C ASN A 42 1.72 13.14 0.04
N PRO A 43 3.04 13.28 -0.20
CA PRO A 43 3.53 14.04 -1.36
C PRO A 43 2.82 13.73 -2.68
N SER A 44 2.60 12.46 -2.97
CA SER A 44 1.90 12.11 -4.19
C SER A 44 0.63 11.33 -3.84
N TYR A 45 0.15 11.58 -2.63
CA TYR A 45 -1.22 11.23 -2.23
C TYR A 45 -1.49 9.73 -2.09
N SER A 46 -0.48 8.99 -1.67
CA SER A 46 -0.71 7.63 -1.23
C SER A 46 0.37 7.19 -0.25
N VAL A 47 0.11 6.07 0.40
CA VAL A 47 1.04 5.46 1.35
C VAL A 47 2.38 5.15 0.70
N LYS A 48 2.38 4.93 -0.61
CA LYS A 48 3.58 4.49 -1.30
C LYS A 48 4.60 5.61 -1.48
N CYS A 49 4.19 6.86 -1.24
CA CYS A 49 5.12 7.98 -1.25
C CYS A 49 6.31 7.71 -0.35
N ARG A 50 6.05 7.02 0.76
CA ARG A 50 7.09 6.68 1.73
C ARG A 50 8.13 5.74 1.13
N ILE A 51 7.70 4.73 0.39
CA ILE A 51 8.68 3.76 -0.12
C ILE A 51 9.28 4.26 -1.43
N GLY A 52 8.56 5.12 -2.14
CA GLY A 52 9.13 5.74 -3.34
C GLY A 52 10.34 6.54 -2.92
N ALA A 53 10.20 7.26 -1.82
CA ALA A 53 11.28 8.04 -1.27
C ALA A 53 12.39 7.14 -0.73
N ASN A 54 12.05 6.21 0.16
CA ASN A 54 13.12 5.45 0.81
C ASN A 54 13.85 4.47 -0.10
N MET A 55 13.15 3.88 -1.07
CA MET A 55 13.84 2.98 -1.99
C MET A 55 14.86 3.75 -2.81
N VAL A 56 14.49 4.95 -3.27
CA VAL A 56 15.44 5.81 -3.96
C VAL A 56 16.60 6.21 -3.05
N TRP A 57 16.29 6.71 -1.85
CA TRP A 57 17.35 7.09 -0.91
C TRP A 57 18.32 5.95 -0.62
N GLN A 58 17.78 4.76 -0.36
CA GLN A 58 18.61 3.61 -0.01
C GLN A 58 19.52 3.19 -1.17
N ALA A 59 18.97 3.22 -2.38
CA ALA A 59 19.75 2.85 -3.57
C ALA A 59 20.86 3.87 -3.82
N GLU A 60 20.58 5.15 -3.52
CA GLU A 60 21.59 6.19 -3.54
C GLU A 60 22.69 5.86 -2.53
N LYS A 61 22.29 5.55 -1.31
CA LYS A 61 23.23 5.26 -0.24
C LYS A 61 24.12 4.06 -0.51
N ASP A 62 23.60 3.01 -1.14
CA ASP A 62 24.49 1.89 -1.38
C ASP A 62 25.02 1.90 -2.82
N GLY A 63 24.84 3.01 -3.51
CA GLY A 63 25.51 3.22 -4.78
C GLY A 63 24.95 2.51 -6.00
N THR A 64 23.77 1.91 -5.88
CA THR A 64 23.18 1.22 -7.01
C THR A 64 22.37 2.19 -7.88
N LEU A 65 22.03 3.33 -7.28
CA LEU A 65 21.41 4.40 -8.03
C LEU A 65 22.37 5.58 -8.07
N THR A 66 22.76 5.96 -9.28
CA THR A 66 23.62 7.11 -9.52
C THR A 66 23.04 7.98 -10.63
N LYS A 67 23.60 9.18 -10.80
CA LYS A 67 23.20 10.03 -11.91
C LYS A 67 23.48 9.28 -13.20
N GLY A 68 22.51 9.25 -14.11
CA GLY A 68 22.66 8.50 -15.35
C GLY A 68 22.03 7.13 -15.35
N LYS A 69 21.83 6.55 -14.17
CA LYS A 69 21.07 5.31 -14.04
C LYS A 69 19.56 5.57 -14.12
N GLU A 70 18.83 4.70 -14.80
CA GLU A 70 17.39 4.88 -14.98
C GLU A 70 16.62 3.90 -14.10
N ILE A 71 15.71 4.44 -13.30
CA ILE A 71 14.92 3.63 -12.37
C ILE A 71 13.97 2.70 -13.10
N VAL A 72 13.80 1.48 -12.58
CA VAL A 72 12.74 0.59 -13.07
C VAL A 72 11.99 -0.08 -11.90
N ASP A 73 10.68 -0.25 -12.03
CA ASP A 73 9.95 -1.16 -11.14
C ASP A 73 8.63 -1.53 -11.78
N ALA A 74 7.94 -2.50 -11.18
CA ALA A 74 6.58 -2.86 -11.56
C ALA A 74 5.60 -2.38 -10.49
N THR A 75 4.44 -1.89 -10.91
CA THR A 75 3.51 -1.30 -9.97
C THR A 75 2.06 -1.51 -10.39
N SER A 76 1.15 -1.42 -9.42
CA SER A 76 -0.28 -1.34 -9.69
C SER A 76 -0.69 0.13 -9.74
N GLY A 77 0.27 1.02 -9.61
CA GLY A 77 0.03 2.43 -9.83
C GLY A 77 0.61 3.37 -8.79
N ASN A 78 0.28 3.13 -7.53
CA ASN A 78 0.65 4.11 -6.51
C ASN A 78 2.15 4.16 -6.28
N THR A 79 2.80 3.00 -6.25
CA THR A 79 4.26 2.99 -6.09
C THR A 79 4.94 3.66 -7.28
N GLY A 80 4.38 3.43 -8.47
CA GLY A 80 4.88 4.07 -9.66
C GLY A 80 4.77 5.58 -9.57
N ILE A 81 3.61 6.08 -9.15
CA ILE A 81 3.42 7.52 -8.99
C ILE A 81 4.38 8.04 -7.91
N ALA A 82 4.56 7.26 -6.87
CA ALA A 82 5.51 7.61 -5.80
C ALA A 82 6.94 7.70 -6.34
N LEU A 83 7.39 6.68 -7.06
CA LEU A 83 8.75 6.72 -7.61
C LEU A 83 8.89 7.84 -8.65
N ALA A 84 7.82 8.12 -9.37
CA ALA A 84 7.81 9.15 -10.40
C ALA A 84 8.04 10.55 -9.85
N TYR A 85 7.36 10.93 -8.76
CA TYR A 85 7.57 12.27 -8.21
C TYR A 85 8.96 12.35 -7.60
N VAL A 86 9.44 11.25 -7.01
CA VAL A 86 10.77 11.26 -6.41
C VAL A 86 11.84 11.36 -7.51
N ALA A 87 11.64 10.62 -8.60
CA ALA A 87 12.54 10.68 -9.74
C ALA A 87 12.61 12.11 -10.30
N ALA A 88 11.45 12.75 -10.44
CA ALA A 88 11.39 14.12 -10.94
C ALA A 88 12.09 15.08 -9.97
N ALA A 89 11.81 14.91 -8.69
CA ALA A 89 12.36 15.78 -7.66
C ALA A 89 13.88 15.67 -7.55
N ARG A 90 14.41 14.46 -7.75
CA ARG A 90 15.82 14.21 -7.49
C ARG A 90 16.64 14.01 -8.76
N GLY A 91 15.99 14.09 -9.92
CA GLY A 91 16.69 14.10 -11.19
C GLY A 91 17.05 12.77 -11.83
N TYR A 92 16.13 11.82 -11.81
CA TYR A 92 16.35 10.52 -12.48
C TYR A 92 15.34 10.29 -13.59
N LYS A 93 15.76 9.60 -14.65
CA LYS A 93 14.83 9.04 -15.63
C LYS A 93 14.20 7.79 -15.01
N ILE A 94 13.02 7.40 -15.49
CA ILE A 94 12.33 6.26 -14.90
C ILE A 94 11.39 5.55 -15.88
N THR A 95 11.45 4.22 -15.86
CA THR A 95 10.54 3.35 -16.58
C THR A 95 9.76 2.50 -15.59
N LEU A 96 8.46 2.35 -15.82
CA LEU A 96 7.62 1.58 -14.92
C LEU A 96 6.72 0.65 -15.72
N THR A 97 6.54 -0.57 -15.24
CA THR A 97 5.53 -1.42 -15.85
C THR A 97 4.29 -1.45 -14.96
N MET A 98 3.13 -1.61 -15.59
CA MET A 98 1.86 -1.61 -14.88
C MET A 98 0.81 -2.33 -15.72
N PRO A 99 0.01 -3.22 -15.09
CA PRO A 99 -1.07 -3.89 -15.83
C PRO A 99 -2.00 -2.87 -16.48
N GLU A 100 -2.38 -3.12 -17.73
CA GLU A 100 -3.18 -2.18 -18.50
C GLU A 100 -4.54 -1.91 -17.87
N THR A 101 -4.97 -2.78 -16.95
CA THR A 101 -6.31 -2.70 -16.34
C THR A 101 -6.40 -1.73 -15.16
N MET A 102 -5.28 -1.14 -14.77
CA MET A 102 -5.27 -0.23 -13.61
C MET A 102 -5.89 1.12 -13.98
N SER A 103 -6.23 1.94 -12.99
CA SER A 103 -7.12 3.09 -13.25
C SER A 103 -6.47 4.09 -14.22
N LEU A 104 -7.31 4.66 -15.08
CA LEU A 104 -6.91 5.68 -16.03
C LEU A 104 -6.16 6.84 -15.36
N GLU A 105 -6.57 7.18 -14.14
CA GLU A 105 -5.90 8.25 -13.40
C GLU A 105 -4.43 7.92 -13.17
N ARG A 106 -4.14 6.66 -12.83
CA ARG A 106 -2.76 6.22 -12.63
C ARG A 106 -1.95 6.43 -13.90
N LYS A 107 -2.50 5.99 -15.03
CA LYS A 107 -1.82 6.11 -16.32
C LYS A 107 -1.49 7.56 -16.65
N ARG A 108 -2.50 8.43 -16.57
CA ARG A 108 -2.35 9.81 -17.01
C ARG A 108 -1.42 10.62 -16.10
N LEU A 109 -1.50 10.38 -14.79
CA LEU A 109 -0.61 11.04 -13.83
C LEU A 109 0.86 10.62 -14.02
N LEU A 110 1.08 9.32 -14.22
CA LEU A 110 2.43 8.81 -14.50
C LEU A 110 3.03 9.51 -15.73
N CYS A 111 2.22 9.65 -16.78
CA CYS A 111 2.68 10.31 -18.00
C CYS A 111 3.00 11.79 -17.73
N GLY A 112 2.15 12.44 -16.93
CA GLY A 112 2.33 13.84 -16.57
C GLY A 112 3.61 14.06 -15.75
N LEU A 113 4.02 13.03 -15.02
CA LEU A 113 5.25 13.08 -14.22
C LEU A 113 6.49 12.72 -15.03
N GLY A 114 6.30 12.40 -16.31
CA GLY A 114 7.41 12.17 -17.21
C GLY A 114 7.96 10.76 -17.26
N VAL A 115 7.12 9.79 -16.94
CA VAL A 115 7.50 8.38 -16.88
C VAL A 115 7.55 7.72 -18.26
N ASN A 116 8.52 6.84 -18.47
CA ASN A 116 8.39 5.89 -19.58
C ASN A 116 7.48 4.75 -19.14
N LEU A 117 6.20 4.85 -19.46
CA LEU A 117 5.20 3.91 -18.97
C LEU A 117 4.99 2.74 -19.92
N VAL A 118 5.22 1.52 -19.42
CA VAL A 118 5.00 0.30 -20.18
C VAL A 118 3.80 -0.46 -19.60
N LEU A 119 2.71 -0.49 -20.34
CA LEU A 119 1.52 -1.19 -19.87
C LEU A 119 1.58 -2.65 -20.25
N THR A 120 1.26 -3.53 -19.31
CA THR A 120 1.33 -4.97 -19.57
C THR A 120 -0.06 -5.59 -19.60
N GLU A 121 -0.12 -6.82 -20.11
CA GLU A 121 -1.37 -7.52 -20.32
C GLU A 121 -2.18 -7.68 -19.04
N GLY A 122 -3.45 -7.27 -19.08
CA GLY A 122 -4.31 -7.29 -17.91
C GLY A 122 -4.45 -8.68 -17.31
N ALA A 123 -4.52 -9.69 -18.18
CA ALA A 123 -4.74 -11.06 -17.73
C ALA A 123 -3.61 -11.55 -16.81
N LYS A 124 -2.39 -11.05 -17.03
CA LYS A 124 -1.22 -11.53 -16.28
C LYS A 124 -0.98 -10.81 -14.95
N GLY A 125 -1.74 -9.74 -14.71
CA GLY A 125 -1.67 -9.01 -13.44
C GLY A 125 -0.28 -8.57 -13.05
N MET A 126 0.00 -8.54 -11.74
CA MET A 126 1.28 -8.01 -11.28
C MET A 126 2.44 -8.89 -11.72
N LYS A 127 2.20 -10.20 -11.77
CA LYS A 127 3.25 -11.15 -12.19
C LYS A 127 3.75 -10.78 -13.58
N GLY A 128 2.81 -10.42 -14.45
CA GLY A 128 3.13 -9.92 -15.78
C GLY A 128 3.93 -8.63 -15.75
N ALA A 129 3.54 -7.71 -14.87
CA ALA A 129 4.24 -6.42 -14.80
C ALA A 129 5.66 -6.63 -14.26
N ILE A 130 5.77 -7.47 -13.23
CA ILE A 130 7.07 -7.84 -12.67
C ILE A 130 7.96 -8.52 -13.72
N ALA A 131 7.38 -9.41 -14.50
CA ALA A 131 8.12 -10.13 -15.53
C ALA A 131 8.69 -9.18 -16.57
N LYS A 132 7.84 -8.24 -17.02
CA LYS A 132 8.23 -7.26 -18.01
C LYS A 132 9.36 -6.35 -17.50
N ALA A 133 9.29 -5.96 -16.23
CA ALA A 133 10.30 -5.09 -15.66
C ALA A 133 11.66 -5.79 -15.62
N GLU A 134 11.63 -7.09 -15.35
CA GLU A 134 12.85 -7.88 -15.29
C GLU A 134 13.50 -8.02 -16.65
N GLU A 135 12.70 -8.20 -17.69
CA GLU A 135 13.29 -8.37 -19.00
C GLU A 135 13.71 -7.02 -19.57
N ILE A 136 13.07 -5.94 -19.12
CA ILE A 136 13.54 -4.60 -19.47
C ILE A 136 14.96 -4.36 -18.93
N VAL A 137 15.14 -4.64 -17.64
CA VAL A 137 16.43 -4.45 -17.01
C VAL A 137 17.50 -5.39 -17.58
N ALA A 138 17.12 -6.63 -17.90
CA ALA A 138 18.08 -7.61 -18.41
C ALA A 138 18.60 -7.25 -19.80
N SER A 139 17.86 -6.41 -20.53
CA SER A 139 18.26 -6.02 -21.88
C SER A 139 19.40 -4.99 -21.84
N ASP A 140 19.59 -4.37 -20.69
CA ASP A 140 20.66 -3.38 -20.50
C ASP A 140 20.89 -3.11 -19.01
N PRO A 141 21.48 -4.08 -18.30
CA PRO A 141 21.70 -4.01 -16.86
C PRO A 141 22.47 -2.78 -16.38
N SER A 142 23.33 -2.20 -17.22
CA SER A 142 24.13 -1.06 -16.80
C SER A 142 23.32 0.25 -16.85
N ARG A 143 22.30 0.26 -17.69
CA ARG A 143 21.44 1.44 -17.82
C ARG A 143 20.40 1.52 -16.70
N TYR A 144 19.84 0.38 -16.33
CA TYR A 144 18.69 0.34 -15.40
C TYR A 144 19.05 -0.14 -13.99
N VAL A 145 18.27 0.29 -13.01
CA VAL A 145 18.28 -0.35 -11.70
C VAL A 145 16.84 -0.66 -11.29
N MET A 146 16.50 -1.94 -11.10
CA MET A 146 15.14 -2.22 -10.64
C MET A 146 15.12 -2.14 -9.14
N LEU A 147 14.20 -1.33 -8.61
CA LEU A 147 14.09 -1.16 -7.18
C LEU A 147 13.24 -2.27 -6.54
N LYS A 148 12.54 -3.06 -7.38
CA LYS A 148 11.73 -4.23 -6.96
C LYS A 148 11.04 -4.13 -5.60
N GLN A 149 9.99 -3.31 -5.54
CA GLN A 149 9.24 -3.06 -4.31
C GLN A 149 8.71 -4.32 -3.63
N PHE A 150 8.48 -5.40 -4.38
CA PHE A 150 7.92 -6.58 -3.78
C PHE A 150 8.91 -7.35 -2.89
N GLU A 151 10.21 -7.09 -3.04
CA GLU A 151 11.20 -7.75 -2.18
C GLU A 151 12.26 -6.82 -1.59
N ASN A 152 12.30 -5.57 -2.04
CA ASN A 152 13.26 -4.62 -1.52
C ASN A 152 13.00 -4.32 -0.04
N PRO A 153 13.97 -4.63 0.85
CA PRO A 153 13.78 -4.38 2.29
C PRO A 153 13.57 -2.91 2.65
N ALA A 154 14.00 -1.99 1.78
CA ALA A 154 13.76 -0.56 2.00
C ALA A 154 12.28 -0.18 2.03
N ASN A 155 11.44 -1.06 1.49
CA ASN A 155 9.99 -0.88 1.52
C ASN A 155 9.47 -1.03 2.97
N PRO A 156 9.52 -2.25 3.56
CA PRO A 156 9.05 -2.28 4.95
C PRO A 156 9.83 -1.40 5.92
N GLN A 157 11.12 -1.18 5.67
CA GLN A 157 11.94 -0.42 6.61
C GLN A 157 11.43 1.00 6.83
N ILE A 158 10.95 1.67 5.78
CA ILE A 158 10.50 3.04 5.97
C ILE A 158 9.19 3.03 6.78
N HIS A 159 8.39 1.97 6.64
CA HIS A 159 7.17 1.87 7.46
C HIS A 159 7.54 1.61 8.91
N ARG A 160 8.64 0.89 9.12
CA ARG A 160 9.11 0.64 10.47
C ARG A 160 9.62 1.93 11.11
N GLU A 161 10.19 2.80 10.28
CA GLU A 161 10.80 4.03 10.77
C GLU A 161 9.83 5.21 10.90
N THR A 162 8.77 5.21 10.10
CA THR A 162 7.87 6.36 10.07
C THR A 162 6.43 5.97 10.38
N THR A 163 5.83 5.17 9.52
CA THR A 163 4.40 4.86 9.67
C THR A 163 4.07 4.24 11.03
N GLY A 164 4.86 3.24 11.44
CA GLY A 164 4.67 2.57 12.72
C GLY A 164 4.80 3.48 13.93
N PRO A 165 5.91 4.21 14.03
CA PRO A 165 6.13 5.21 15.08
C PRO A 165 5.05 6.29 15.11
N GLU A 166 4.55 6.72 13.96
CA GLU A 166 3.49 7.72 13.95
C GLU A 166 2.25 7.18 14.64
N ILE A 167 1.93 5.92 14.35
CA ILE A 167 0.77 5.27 14.94
C ILE A 167 0.96 5.20 16.45
N TRP A 168 2.15 4.80 16.87
CA TRP A 168 2.48 4.67 18.29
C TRP A 168 2.31 6.00 19.03
N LYS A 169 2.89 7.05 18.47
CA LYS A 169 2.81 8.39 19.06
C LYS A 169 1.38 8.93 19.10
N ASP A 170 0.66 8.86 17.99
CA ASP A 170 -0.66 9.47 17.89
C ASP A 170 -1.71 8.72 18.72
N THR A 171 -1.45 7.46 19.06
CA THR A 171 -2.38 6.73 19.91
C THR A 171 -1.89 6.70 21.36
N ASP A 172 -0.79 7.39 21.63
CA ASP A 172 -0.16 7.37 22.96
C ASP A 172 0.10 5.94 23.43
N GLY A 173 0.55 5.09 22.50
CA GLY A 173 0.82 3.70 22.80
C GLY A 173 -0.40 2.82 23.03
N LYS A 174 -1.60 3.32 22.74
CA LYS A 174 -2.82 2.54 23.05
C LYS A 174 -3.32 1.68 21.89
N VAL A 175 -2.72 1.82 20.72
CA VAL A 175 -3.09 0.99 19.59
C VAL A 175 -3.07 -0.50 20.00
N ASP A 176 -4.15 -1.23 19.72
CA ASP A 176 -4.24 -2.65 20.06
C ASP A 176 -4.24 -3.57 18.83
N VAL A 177 -4.68 -3.03 17.70
CA VAL A 177 -4.89 -3.79 16.46
C VAL A 177 -4.47 -2.91 15.28
N VAL A 178 -3.75 -3.48 14.31
CA VAL A 178 -3.50 -2.74 13.08
C VAL A 178 -4.06 -3.54 11.91
N VAL A 179 -4.85 -2.88 11.07
CA VAL A 179 -5.49 -3.53 9.93
C VAL A 179 -4.97 -2.90 8.64
N ALA A 180 -4.41 -3.71 7.75
CA ALA A 180 -3.88 -3.20 6.49
C ALA A 180 -4.06 -4.19 5.34
N GLY A 181 -4.53 -3.72 4.19
CA GLY A 181 -4.51 -4.56 3.01
C GLY A 181 -3.08 -4.89 2.59
N VAL A 182 -2.89 -6.02 1.93
CA VAL A 182 -1.57 -6.45 1.50
C VAL A 182 -1.43 -6.43 -0.02
N GLY A 183 -0.46 -5.66 -0.49
CA GLY A 183 -0.02 -5.70 -1.88
C GLY A 183 1.36 -6.32 -1.90
N THR A 184 2.37 -5.50 -1.57
CA THR A 184 3.73 -5.99 -1.36
C THR A 184 3.91 -6.56 0.05
N GLY A 185 3.03 -6.16 0.98
CA GLY A 185 3.15 -6.55 2.37
C GLY A 185 3.98 -5.60 3.21
N GLY A 186 4.61 -4.62 2.56
CA GLY A 186 5.54 -3.73 3.25
C GLY A 186 4.92 -2.94 4.39
N SER A 187 3.70 -2.44 4.17
CA SER A 187 3.03 -1.63 5.19
C SER A 187 2.79 -2.44 6.44
N ILE A 188 2.11 -3.59 6.31
CA ILE A 188 1.75 -4.33 7.53
C ILE A 188 3.03 -4.84 8.19
N THR A 189 4.01 -5.22 7.39
CA THR A 189 5.28 -5.75 7.91
C THR A 189 6.05 -4.71 8.73
N GLY A 190 6.35 -3.58 8.12
CA GLY A 190 7.11 -2.53 8.79
C GLY A 190 6.38 -1.94 9.99
N ILE A 191 5.07 -1.73 9.87
CA ILE A 191 4.30 -1.20 11.00
C ILE A 191 4.32 -2.17 12.17
N SER A 192 4.14 -3.45 11.87
CA SER A 192 4.08 -4.49 12.90
C SER A 192 5.41 -4.63 13.61
N ARG A 193 6.52 -4.59 12.85
CA ARG A 193 7.84 -4.67 13.46
C ARG A 193 8.09 -3.50 14.41
N ALA A 194 7.72 -2.29 13.98
CA ALA A 194 7.88 -1.11 14.85
C ALA A 194 7.13 -1.29 16.18
N ILE A 195 5.84 -1.59 16.09
CA ILE A 195 5.04 -1.58 17.31
C ILE A 195 5.36 -2.79 18.20
N LYS A 196 5.48 -3.97 17.60
CA LYS A 196 5.77 -5.17 18.37
C LYS A 196 7.20 -5.26 18.87
N LEU A 197 8.16 -4.90 18.02
CA LEU A 197 9.56 -5.19 18.35
C LEU A 197 10.29 -3.96 18.89
N ASP A 198 9.96 -2.77 18.37
CA ASP A 198 10.64 -1.56 18.80
C ASP A 198 9.98 -0.92 20.01
N PHE A 199 8.65 -0.94 20.07
CA PHE A 199 7.95 -0.41 21.25
C PHE A 199 7.47 -1.53 22.19
N GLY A 200 7.55 -2.77 21.72
CA GLY A 200 7.31 -3.93 22.56
C GLY A 200 5.88 -4.28 22.92
N LYS A 201 4.91 -3.80 22.16
CA LYS A 201 3.51 -4.08 22.50
C LYS A 201 2.90 -5.19 21.64
N GLN A 202 2.25 -6.17 22.28
CA GLN A 202 1.79 -7.36 21.57
C GLN A 202 0.39 -7.15 20.97
N ILE A 203 0.34 -6.34 19.93
CA ILE A 203 -0.88 -6.05 19.19
C ILE A 203 -1.31 -7.18 18.28
N THR A 204 -2.52 -7.06 17.71
CA THR A 204 -2.97 -7.99 16.68
C THR A 204 -2.70 -7.38 15.32
N SER A 205 -1.87 -8.02 14.51
CA SER A 205 -1.60 -7.55 13.16
C SER A 205 -2.51 -8.30 12.20
N VAL A 206 -3.30 -7.54 11.45
CA VAL A 206 -4.34 -8.10 10.58
C VAL A 206 -4.08 -7.75 9.13
N ALA A 207 -3.79 -8.76 8.33
CA ALA A 207 -3.64 -8.56 6.91
C ALA A 207 -5.01 -8.69 6.26
N VAL A 208 -5.27 -7.86 5.25
CA VAL A 208 -6.53 -7.93 4.53
C VAL A 208 -6.24 -8.33 3.07
N GLU A 209 -7.04 -9.24 2.53
CA GLU A 209 -6.93 -9.65 1.15
C GLU A 209 -8.33 -9.87 0.55
N PRO A 210 -8.42 -9.87 -0.79
CA PRO A 210 -9.74 -10.12 -1.39
C PRO A 210 -10.16 -11.56 -1.17
N VAL A 211 -11.44 -11.77 -0.85
CA VAL A 211 -11.99 -13.12 -0.74
C VAL A 211 -11.86 -13.83 -2.10
N GLU A 212 -11.81 -13.05 -3.19
CA GLU A 212 -11.67 -13.59 -4.55
C GLU A 212 -10.27 -14.17 -4.83
N SER A 213 -9.28 -13.77 -4.03
CA SER A 213 -7.90 -14.19 -4.26
C SER A 213 -7.19 -14.32 -2.91
N PRO A 214 -7.68 -15.25 -2.07
CA PRO A 214 -7.26 -15.26 -0.67
C PRO A 214 -6.03 -16.12 -0.45
N VAL A 215 -4.93 -15.80 -1.14
CA VAL A 215 -3.76 -16.65 -1.18
C VAL A 215 -3.01 -16.71 0.17
N ILE A 216 -3.08 -15.63 0.96
CA ILE A 216 -2.47 -15.69 2.29
C ILE A 216 -3.26 -16.65 3.18
N SER A 217 -4.58 -16.55 3.16
CA SER A 217 -5.45 -17.42 3.95
C SER A 217 -5.25 -18.90 3.57
N GLN A 218 -5.26 -19.18 2.28
CA GLN A 218 -5.04 -20.51 1.73
C GLN A 218 -3.68 -21.05 2.16
N THR A 219 -2.65 -20.22 2.00
CA THR A 219 -1.29 -20.59 2.37
C THR A 219 -1.24 -21.03 3.83
N LEU A 220 -1.71 -20.17 4.72
CA LEU A 220 -1.66 -20.45 6.14
C LEU A 220 -2.47 -21.68 6.55
N ALA A 221 -3.51 -21.97 5.77
CA ALA A 221 -4.39 -23.11 6.04
C ALA A 221 -3.86 -24.41 5.46
N GLY A 222 -2.77 -24.31 4.71
CA GLY A 222 -2.23 -25.45 3.99
C GLY A 222 -3.12 -25.93 2.86
N GLU A 223 -3.91 -25.01 2.30
CA GLU A 223 -4.74 -25.32 1.15
C GLU A 223 -4.05 -24.88 -0.14
N GLU A 224 -4.55 -25.35 -1.29
CA GLU A 224 -3.94 -24.99 -2.56
C GLU A 224 -4.16 -23.51 -2.84
N VAL A 225 -3.10 -22.80 -3.18
CA VAL A 225 -3.21 -21.38 -3.49
C VAL A 225 -3.94 -21.20 -4.82
N LYS A 226 -5.08 -20.53 -4.78
CA LYS A 226 -5.86 -20.29 -5.98
C LYS A 226 -6.21 -18.80 -6.12
N PRO A 227 -5.32 -18.04 -6.79
CA PRO A 227 -5.58 -16.61 -7.01
C PRO A 227 -6.78 -16.38 -7.91
N GLY A 228 -7.33 -15.17 -7.90
CA GLY A 228 -8.44 -14.85 -8.77
C GLY A 228 -8.55 -13.36 -9.04
N PRO A 229 -9.40 -12.99 -10.02
CA PRO A 229 -9.67 -11.59 -10.38
C PRO A 229 -10.53 -10.87 -9.34
N HIS A 230 -10.30 -9.57 -9.17
CA HIS A 230 -11.04 -8.79 -8.19
C HIS A 230 -10.86 -7.31 -8.51
N LYS A 231 -11.67 -6.47 -7.87
CA LYS A 231 -11.67 -5.04 -8.17
C LYS A 231 -10.97 -4.20 -7.11
N ILE A 232 -10.26 -4.84 -6.18
CA ILE A 232 -9.69 -4.08 -5.06
C ILE A 232 -8.27 -3.65 -5.43
N GLN A 233 -8.21 -2.62 -6.26
CA GLN A 233 -6.96 -2.18 -6.88
C GLN A 233 -5.89 -1.90 -5.85
N GLY A 234 -4.72 -2.53 -6.01
CA GLY A 234 -3.60 -2.27 -5.12
C GLY A 234 -3.28 -3.41 -4.17
N ILE A 235 -4.26 -4.24 -3.84
CA ILE A 235 -3.99 -5.42 -3.03
C ILE A 235 -4.31 -6.70 -3.80
N GLY A 236 -4.01 -7.84 -3.18
CA GLY A 236 -4.38 -9.13 -3.73
C GLY A 236 -3.63 -9.42 -5.03
N ALA A 237 -2.31 -9.43 -4.94
CA ALA A 237 -1.46 -9.62 -6.12
C ALA A 237 -1.44 -11.07 -6.64
N GLY A 238 -2.03 -11.99 -5.90
CA GLY A 238 -2.15 -13.37 -6.36
C GLY A 238 -1.03 -14.33 -5.99
N PHE A 239 -0.11 -13.86 -5.15
CA PHE A 239 1.00 -14.67 -4.65
C PHE A 239 1.41 -14.08 -3.32
N ILE A 240 2.22 -14.81 -2.58
CA ILE A 240 2.78 -14.34 -1.32
C ILE A 240 4.01 -13.51 -1.61
N PRO A 241 3.94 -12.19 -1.40
CA PRO A 241 5.09 -11.35 -1.74
C PRO A 241 6.21 -11.49 -0.71
N LYS A 242 7.46 -11.31 -1.15
CA LYS A 242 8.59 -11.42 -0.24
C LYS A 242 8.56 -10.39 0.90
N ASN A 243 8.01 -9.21 0.65
CA ASN A 243 7.91 -8.21 1.71
C ASN A 243 6.72 -8.38 2.65
N LEU A 244 6.05 -9.53 2.58
CA LEU A 244 5.06 -9.87 3.61
C LEU A 244 5.70 -10.81 4.63
N ASP A 245 5.95 -10.30 5.82
CA ASP A 245 6.52 -11.12 6.88
C ASP A 245 5.38 -11.94 7.50
N LEU A 246 5.11 -13.12 6.95
CA LEU A 246 4.01 -13.96 7.45
C LEU A 246 4.11 -14.17 8.96
N SER A 247 5.33 -14.21 9.48
CA SER A 247 5.57 -14.49 10.89
C SER A 247 4.98 -13.48 11.85
N ILE A 248 4.83 -12.21 11.43
CA ILE A 248 4.23 -11.21 12.32
C ILE A 248 2.74 -10.99 12.08
N ILE A 249 2.14 -11.77 11.19
CA ILE A 249 0.71 -11.64 10.90
C ILE A 249 -0.09 -12.53 11.86
N ASP A 250 -0.97 -11.93 12.67
CA ASP A 250 -1.73 -12.70 13.66
C ASP A 250 -3.04 -13.21 13.07
N ARG A 251 -3.52 -12.52 12.05
CA ARG A 251 -4.87 -12.77 11.56
C ARG A 251 -4.99 -12.34 10.11
N VAL A 252 -5.73 -13.09 9.30
CA VAL A 252 -5.98 -12.66 7.93
C VAL A 252 -7.50 -12.50 7.75
N GLU A 253 -7.93 -11.34 7.23
CA GLU A 253 -9.35 -11.10 6.98
C GLU A 253 -9.60 -10.97 5.48
N THR A 254 -10.64 -11.65 4.98
CA THR A 254 -10.97 -11.55 3.56
C THR A 254 -12.18 -10.65 3.35
N VAL A 255 -12.14 -9.88 2.28
CA VAL A 255 -13.21 -8.93 1.96
C VAL A 255 -13.53 -9.02 0.48
N ASP A 256 -14.80 -9.04 0.13
CA ASP A 256 -15.18 -9.09 -1.27
C ASP A 256 -15.19 -7.70 -1.93
N SER A 257 -15.07 -7.69 -3.25
CA SER A 257 -14.98 -6.43 -4.02
C SER A 257 -16.18 -5.50 -3.83
N ASP A 258 -17.39 -6.06 -3.92
CA ASP A 258 -18.61 -5.28 -3.76
C ASP A 258 -18.62 -4.54 -2.42
N THR A 259 -18.32 -5.27 -1.37
CA THR A 259 -18.35 -4.69 -0.03
C THR A 259 -17.22 -3.69 0.13
N ALA A 260 -16.06 -3.96 -0.47
CA ALA A 260 -14.98 -2.97 -0.48
C ALA A 260 -15.45 -1.66 -1.11
N LEU A 261 -16.06 -1.75 -2.29
CA LEU A 261 -16.52 -0.57 -3.01
C LEU A 261 -17.60 0.17 -2.23
N ALA A 262 -18.57 -0.58 -1.71
CA ALA A 262 -19.67 0.03 -0.96
C ALA A 262 -19.15 0.72 0.30
N THR A 263 -18.14 0.13 0.94
CA THR A 263 -17.58 0.71 2.14
C THR A 263 -16.81 2.01 1.84
N ALA A 264 -16.08 2.03 0.71
CA ALA A 264 -15.40 3.26 0.32
C ALA A 264 -16.39 4.39 0.02
N ARG A 265 -17.50 4.06 -0.63
CA ARG A 265 -18.56 5.04 -0.88
C ARG A 265 -19.15 5.55 0.43
N ARG A 266 -19.34 4.65 1.39
CA ARG A 266 -19.84 5.04 2.71
C ARG A 266 -18.87 5.99 3.42
N LEU A 267 -17.57 5.69 3.34
CA LEU A 267 -16.56 6.55 3.94
C LEU A 267 -16.67 7.99 3.42
N MET A 268 -16.89 8.12 2.11
CA MET A 268 -17.07 9.42 1.49
C MET A 268 -18.37 10.08 1.96
N ALA A 269 -19.47 9.38 1.76
CA ALA A 269 -20.81 9.92 1.98
C ALA A 269 -21.19 10.06 3.44
N GLU A 270 -20.64 9.21 4.30
CA GLU A 270 -21.05 9.22 5.70
C GLU A 270 -20.01 9.74 6.70
N GLU A 271 -18.73 9.69 6.34
CA GLU A 271 -17.66 10.16 7.21
C GLU A 271 -16.95 11.40 6.63
N GLY A 272 -17.21 11.70 5.37
CA GLY A 272 -16.48 12.77 4.69
C GLY A 272 -15.00 12.45 4.51
N ILE A 273 -14.71 11.18 4.26
CA ILE A 273 -13.34 10.73 4.04
C ILE A 273 -13.20 10.22 2.62
N LEU A 274 -12.33 10.87 1.85
CA LEU A 274 -12.18 10.59 0.44
C LEU A 274 -11.23 9.41 0.25
N ALA A 275 -11.76 8.21 0.44
CA ALA A 275 -10.97 6.98 0.46
C ALA A 275 -10.94 6.30 -0.91
N GLY A 276 -9.85 5.56 -1.17
CA GLY A 276 -9.75 4.75 -2.36
C GLY A 276 -10.39 3.39 -2.12
N ILE A 277 -10.36 2.52 -3.12
CA ILE A 277 -11.07 1.24 -3.01
C ILE A 277 -10.50 0.32 -1.92
N SER A 278 -9.18 0.18 -1.86
CA SER A 278 -8.56 -0.70 -0.88
C SER A 278 -8.77 -0.17 0.54
N SER A 279 -8.98 1.14 0.66
CA SER A 279 -9.36 1.74 1.94
C SER A 279 -10.72 1.22 2.42
N GLY A 280 -11.66 1.08 1.49
CA GLY A 280 -12.93 0.44 1.79
C GLY A 280 -12.79 -1.01 2.24
N ALA A 281 -11.87 -1.75 1.61
CA ALA A 281 -11.67 -3.15 2.01
C ALA A 281 -11.15 -3.21 3.45
N ALA A 282 -10.12 -2.41 3.72
CA ALA A 282 -9.50 -2.39 5.04
C ALA A 282 -10.51 -2.01 6.14
N VAL A 283 -11.30 -0.97 5.91
CA VAL A 283 -12.28 -0.57 6.92
C VAL A 283 -13.35 -1.65 7.11
N ALA A 284 -13.80 -2.28 6.02
CA ALA A 284 -14.80 -3.33 6.16
C ALA A 284 -14.26 -4.48 7.04
N ALA A 285 -13.00 -4.86 6.84
CA ALA A 285 -12.40 -5.90 7.68
C ALA A 285 -12.29 -5.42 9.14
N ALA A 286 -11.89 -4.18 9.32
CA ALA A 286 -11.75 -3.63 10.67
C ALA A 286 -13.12 -3.55 11.37
N ASP A 287 -14.15 -3.20 10.60
CA ASP A 287 -15.50 -3.05 11.15
C ASP A 287 -15.99 -4.40 11.70
N ARG A 288 -15.65 -5.47 10.99
CA ARG A 288 -16.03 -6.81 11.44
C ARG A 288 -15.34 -7.17 12.76
N LEU A 289 -14.03 -6.92 12.85
CA LEU A 289 -13.33 -7.17 14.10
C LEU A 289 -13.87 -6.28 15.23
N ALA A 290 -14.10 -5.00 14.91
CA ALA A 290 -14.54 -4.00 15.90
C ALA A 290 -15.84 -4.35 16.59
N LYS A 291 -16.66 -5.18 15.95
CA LYS A 291 -17.96 -5.54 16.50
C LYS A 291 -17.97 -6.95 17.11
N LEU A 292 -16.79 -7.54 17.24
CA LEU A 292 -16.65 -8.75 18.07
C LEU A 292 -16.37 -8.29 19.48
N PRO A 293 -17.12 -8.83 20.47
CA PRO A 293 -16.83 -8.41 21.85
C PRO A 293 -15.35 -8.50 22.24
N GLU A 294 -14.60 -9.45 21.69
CA GLU A 294 -13.18 -9.53 22.05
C GLU A 294 -12.36 -8.29 21.63
N PHE A 295 -12.84 -7.50 20.67
CA PHE A 295 -12.13 -6.29 20.26
C PHE A 295 -12.93 -5.03 20.58
N ALA A 296 -14.05 -5.20 21.28
CA ALA A 296 -15.00 -4.11 21.48
C ALA A 296 -14.39 -2.93 22.23
N ASP A 297 -13.48 -3.20 23.14
CA ASP A 297 -12.81 -2.12 23.86
C ASP A 297 -11.32 -2.03 23.51
N LYS A 298 -10.95 -2.52 22.33
CA LYS A 298 -9.58 -2.40 21.82
C LYS A 298 -9.52 -1.31 20.74
N LEU A 299 -8.38 -0.61 20.66
CA LEU A 299 -8.23 0.45 19.68
C LEU A 299 -7.68 -0.10 18.37
N ILE A 300 -8.49 0.02 17.32
CA ILE A 300 -8.16 -0.54 16.02
C ILE A 300 -7.75 0.56 15.05
N VAL A 301 -6.53 0.46 14.53
CA VAL A 301 -6.01 1.45 13.59
C VAL A 301 -5.95 0.86 12.19
N VAL A 302 -6.55 1.55 11.24
CA VAL A 302 -6.73 1.07 9.88
C VAL A 302 -5.96 1.93 8.89
N ILE A 303 -5.12 1.30 8.08
CA ILE A 303 -4.43 2.02 7.01
C ILE A 303 -5.39 2.28 5.84
N LEU A 304 -5.53 3.55 5.43
CA LEU A 304 -6.25 3.93 4.20
C LEU A 304 -5.23 4.38 3.15
N PRO A 305 -4.85 3.47 2.23
CA PRO A 305 -3.68 3.68 1.37
C PRO A 305 -3.78 4.81 0.37
N SER A 306 -4.98 5.15 -0.11
CA SER A 306 -5.09 6.12 -1.18
C SER A 306 -6.39 6.95 -1.15
N ALA A 307 -6.51 7.87 -2.10
CA ALA A 307 -7.61 8.84 -2.12
C ALA A 307 -8.54 8.62 -3.32
N SER A 308 -9.79 9.09 -3.16
CA SER A 308 -10.88 8.84 -4.11
C SER A 308 -10.61 9.25 -5.55
N GLU A 309 -9.98 10.39 -5.77
CA GLU A 309 -9.90 10.96 -7.10
C GLU A 309 -8.99 10.14 -8.02
N ARG A 310 -8.21 9.26 -7.45
CA ARG A 310 -7.37 8.35 -8.24
C ARG A 310 -8.22 7.20 -8.82
N TYR A 311 -9.52 7.22 -8.54
CA TYR A 311 -10.40 6.11 -8.93
C TYR A 311 -11.69 6.54 -9.62
N LEU A 312 -11.72 7.79 -10.12
CA LEU A 312 -12.92 8.31 -10.77
C LEU A 312 -13.36 7.45 -11.97
N SER A 313 -12.39 6.84 -12.64
CA SER A 313 -12.68 6.01 -13.82
C SER A 313 -13.02 4.56 -13.47
N THR A 314 -13.11 4.26 -12.17
CA THR A 314 -13.35 2.90 -11.72
C THR A 314 -14.77 2.72 -11.25
N ALA A 315 -15.08 1.52 -10.80
CA ALA A 315 -16.41 1.20 -10.28
C ALA A 315 -16.71 1.96 -8.99
N LEU A 316 -15.69 2.55 -8.38
CA LEU A 316 -15.90 3.34 -7.16
C LEU A 316 -16.93 4.47 -7.37
N PHE A 317 -16.94 5.05 -8.57
CA PHE A 317 -17.90 6.10 -8.89
C PHE A 317 -19.00 5.64 -9.85
N GLU A 318 -19.27 4.34 -9.83
CA GLU A 318 -20.45 3.78 -10.49
C GLU A 318 -21.72 4.51 -10.01
N GLY A 319 -22.60 4.84 -10.95
CA GLY A 319 -23.80 5.59 -10.63
C GLY A 319 -23.73 7.08 -10.93
C1 GOL B . -15.77 -8.49 5.38
O1 GOL B . -15.51 -9.01 6.67
C2 GOL B . -17.19 -8.89 4.93
O2 GOL B . -18.11 -8.24 5.77
C3 GOL B . -17.40 -8.42 3.50
O3 GOL B . -16.74 -9.28 2.59
O 0JO C . 1.31 0.69 -5.98
C 0JO C . 1.74 -0.45 -5.98
OXT 0JO C . 2.45 -0.84 -6.88
CA 0JO C . 1.37 -1.37 -4.83
CB 0JO C . 1.84 -2.64 -4.85
N 0JO C . 0.12 -1.22 -4.20
C4A 0JO C . 0.25 -0.85 -2.81
C4 0JO C . -1.19 -0.65 -2.21
C3 0JO C . -2.04 0.21 -2.83
O3 0JO C . -1.62 0.88 -3.97
C2 0JO C . -3.30 0.47 -2.33
C2A 0JO C . -4.20 1.35 -3.02
N1 0JO C . -3.74 -0.15 -1.22
C6 0JO C . -2.90 -1.00 -0.59
C5 0JO C . -1.62 -1.25 -1.06
C5A 0JO C . -0.75 -2.22 -0.23
OP4 0JO C . 0.34 -1.78 0.44
P 0JO C . 1.53 -2.69 0.64
OP3 0JO C . 2.34 -2.08 1.59
OP1 0JO C . 1.15 -3.99 1.10
OP2 0JO C . 2.18 -2.83 -0.60
#